data_5XY1
#
_entry.id   5XY1
#
_cell.length_a   128.864
_cell.length_b   128.864
_cell.length_c   55.123
_cell.angle_alpha   90.00
_cell.angle_beta   90.00
_cell.angle_gamma   120.00
#
_symmetry.space_group_name_H-M   'H 3'
#
loop_
_entity.id
_entity.type
_entity.pdbx_description
1 polymer 'Tyrosine-protein kinase Lyn'
2 non-polymer N-(1H-indazol-6-yl)-8-piperidin-4-yloxy-6-propyl-quinazolin-2-amine
3 water water
#
_entity_poly.entity_id   1
_entity_poly.type   'polypeptide(L)'
_entity_poly.pdbx_seq_one_letter_code
;GAMGSAWEIPRESIKLVKRLGAGQFGEVWMGYYNNSTKVAVKTLKPGTMSVQAFLEEANLMKTLQHDKLVRLYAVVTREE
PIYIITEYMAKGSLLDFLKSDEGGKVLLPKLIDFSAQIAEGMAYIERKNYIHRDLRAANVLVSESLMCKIADFGLARVIE
DNEYTAREGAKFPIKWTAPEAINFGCFTIKSDVWSFGILLYEIVTYGKIPYPGRTNADVMTALSQGYRMPRVENCPDELY
DIMKMCWKEKAEERPTFDYLQSVLDDFYTATEGQYQQQP
;
_entity_poly.pdbx_strand_id   A
#
loop_
_chem_comp.id
_chem_comp.type
_chem_comp.name
_chem_comp.formula
8H0 non-polymer N-(1H-indazol-6-yl)-8-piperidin-4-yloxy-6-propyl-quinazolin-2-amine 'C23 H26 N6 O'
#
# COMPACT_ATOMS: atom_id res chain seq x y z
N SER A 5 -4.01 -25.55 0.20
CA SER A 5 -2.73 -26.32 0.30
C SER A 5 -2.19 -26.81 -1.05
N ALA A 6 -2.60 -26.14 -2.13
CA ALA A 6 -1.90 -26.23 -3.42
C ALA A 6 -0.83 -25.14 -3.50
N TRP A 7 -0.83 -24.22 -2.52
CA TRP A 7 0.16 -23.15 -2.43
C TRP A 7 1.34 -23.53 -1.52
N GLU A 8 1.26 -24.71 -0.91
CA GLU A 8 2.35 -25.21 -0.08
C GLU A 8 3.52 -25.58 -0.99
N ILE A 9 4.74 -25.39 -0.48
CA ILE A 9 5.95 -25.83 -1.18
C ILE A 9 7.03 -26.29 -0.18
N PRO A 10 8.00 -27.11 -0.65
CA PRO A 10 9.05 -27.56 0.25
C PRO A 10 10.05 -26.46 0.60
N ARG A 11 10.35 -26.33 1.88
CA ARG A 11 11.34 -25.36 2.38
C ARG A 11 12.68 -25.44 1.64
N GLU A 12 13.00 -26.62 1.11
CA GLU A 12 14.25 -26.87 0.40
C GLU A 12 14.36 -26.04 -0.86
N SER A 13 13.23 -25.82 -1.53
CA SER A 13 13.20 -25.04 -2.77
C SER A 13 13.14 -23.53 -2.54
N ILE A 14 13.68 -23.06 -1.42
CA ILE A 14 13.75 -21.63 -1.11
C ILE A 14 15.09 -21.30 -0.44
N LYS A 15 15.85 -20.39 -1.03
CA LYS A 15 17.07 -19.88 -0.43
C LYS A 15 16.95 -18.39 -0.14
N LEU A 16 17.29 -17.99 1.09
CA LEU A 16 17.29 -16.59 1.49
C LEU A 16 18.66 -15.97 1.20
N VAL A 17 18.67 -14.71 0.77
CA VAL A 17 19.92 -14.02 0.41
C VAL A 17 20.11 -12.70 1.17
N LYS A 18 19.24 -11.73 0.90
CA LYS A 18 19.38 -10.40 1.46
C LYS A 18 18.14 -10.05 2.26
N ARG A 19 18.34 -9.47 3.44
CA ARG A 19 17.22 -9.01 4.26
C ARG A 19 16.78 -7.64 3.78
N LEU A 20 15.47 -7.47 3.62
CA LEU A 20 14.90 -6.25 3.05
C LEU A 20 14.41 -5.33 4.16
N GLY A 21 13.64 -5.91 5.08
CA GLY A 21 13.15 -5.19 6.25
C GLY A 21 13.12 -6.09 7.46
N ALA A 22 13.11 -5.47 8.63
CA ALA A 22 13.09 -6.19 9.90
C ALA A 22 12.03 -5.59 10.82
N GLY A 23 10.98 -6.36 11.10
CA GLY A 23 9.94 -5.96 12.04
C GLY A 23 10.01 -6.79 13.32
N GLN A 24 9.11 -6.51 14.25
CA GLN A 24 9.00 -7.32 15.47
C GLN A 24 8.37 -8.69 15.16
N PHE A 25 7.47 -8.72 14.19
CA PHE A 25 6.81 -9.97 13.80
C PHE A 25 7.71 -10.82 12.90
N GLY A 26 8.86 -10.29 12.52
CA GLY A 26 9.86 -11.01 11.76
C GLY A 26 10.50 -10.13 10.70
N GLU A 27 11.08 -10.78 9.68
CA GLU A 27 11.83 -10.07 8.64
C GLU A 27 11.27 -10.37 7.26
N VAL A 28 11.74 -9.62 6.26
CA VAL A 28 11.44 -9.90 4.86
C VAL A 28 12.76 -10.09 4.12
N TRP A 29 12.86 -11.15 3.32
CA TRP A 29 14.07 -11.46 2.60
C TRP A 29 13.80 -11.59 1.11
N MET A 30 14.74 -11.11 0.31
CA MET A 30 14.80 -11.49 -1.10
C MET A 30 15.47 -12.85 -1.16
N GLY A 31 14.92 -13.73 -1.98
CA GLY A 31 15.45 -15.08 -2.13
C GLY A 31 15.18 -15.63 -3.51
N TYR A 32 15.45 -16.92 -3.70
CA TYR A 32 15.20 -17.60 -4.97
C TYR A 32 14.37 -18.86 -4.79
N TYR A 33 13.45 -19.09 -5.72
CA TYR A 33 12.66 -20.32 -5.76
C TYR A 33 13.24 -21.26 -6.82
N ASN A 34 13.76 -22.40 -6.38
CA ASN A 34 14.37 -23.39 -7.28
C ASN A 34 15.58 -22.80 -8.00
N ASN A 35 16.28 -21.90 -7.30
CA ASN A 35 17.42 -21.16 -7.84
C ASN A 35 17.13 -20.28 -9.07
N SER A 36 15.95 -20.41 -9.68
CA SER A 36 15.65 -19.71 -10.93
C SER A 36 14.99 -18.36 -10.67
N THR A 37 13.85 -18.40 -9.99
CA THR A 37 12.97 -17.24 -9.84
C THR A 37 13.27 -16.50 -8.55
N LYS A 38 13.65 -15.22 -8.67
CA LYS A 38 13.80 -14.39 -7.47
C LYS A 38 12.44 -14.12 -6.83
N VAL A 39 12.40 -14.10 -5.50
CA VAL A 39 11.17 -13.93 -4.73
C VAL A 39 11.38 -13.09 -3.49
N ALA A 40 10.28 -12.72 -2.85
CA ALA A 40 10.31 -12.11 -1.54
C ALA A 40 9.72 -13.09 -0.53
N VAL A 41 10.38 -13.20 0.62
CA VAL A 41 9.96 -14.11 1.68
C VAL A 41 9.65 -13.32 2.95
N LYS A 42 8.41 -13.37 3.41
CA LYS A 42 8.03 -12.75 4.68
C LYS A 42 8.18 -13.77 5.80
N THR A 43 9.03 -13.45 6.77
CA THR A 43 9.33 -14.36 7.89
C THR A 43 8.46 -14.05 9.11
N LEU A 44 7.86 -15.09 9.68
CA LEU A 44 7.13 -15.01 10.95
C LEU A 44 8.06 -15.41 12.08
N LYS A 45 8.41 -14.44 12.92
CA LYS A 45 9.08 -14.72 14.19
C LYS A 45 8.06 -15.36 15.14
N PRO A 46 8.21 -16.67 15.45
CA PRO A 46 7.19 -17.30 16.29
C PRO A 46 7.17 -16.72 17.70
N GLY A 47 5.98 -16.58 18.26
CA GLY A 47 5.80 -15.97 19.59
C GLY A 47 5.18 -14.60 19.50
N THR A 48 5.76 -13.74 18.66
CA THR A 48 5.29 -12.37 18.49
C THR A 48 3.90 -12.30 17.86
N MET A 49 3.60 -13.28 17.02
CA MET A 49 2.33 -13.35 16.33
C MET A 49 1.94 -14.81 16.21
N SER A 50 0.64 -15.07 16.20
CA SER A 50 0.16 -16.44 16.02
C SER A 50 0.35 -16.81 14.56
N VAL A 51 0.53 -18.09 14.30
CA VAL A 51 0.66 -18.62 12.95
C VAL A 51 -0.61 -18.33 12.15
N GLN A 52 -1.75 -18.74 12.70
CA GLN A 52 -3.01 -18.62 11.97
C GLN A 52 -3.28 -17.19 11.49
N ALA A 53 -2.94 -16.21 12.33
CA ALA A 53 -3.20 -14.79 12.04
C ALA A 53 -2.25 -14.29 10.97
N PHE A 54 -0.96 -14.56 11.16
CA PHE A 54 0.07 -14.25 10.16
C PHE A 54 -0.29 -14.79 8.76
N LEU A 55 -0.88 -15.99 8.71
CA LEU A 55 -1.26 -16.61 7.43
C LEU A 55 -2.51 -16.03 6.78
N GLU A 56 -3.38 -15.38 7.56
CA GLU A 56 -4.62 -14.85 6.99
C GLU A 56 -4.38 -13.78 5.91
N GLU A 57 -3.24 -13.10 5.99
CA GLU A 57 -2.79 -12.24 4.91
C GLU A 57 -2.63 -13.03 3.60
N ALA A 58 -1.92 -14.15 3.68
CA ALA A 58 -1.74 -15.02 2.52
C ALA A 58 -3.07 -15.60 2.04
N ASN A 59 -3.90 -16.01 2.99
CA ASN A 59 -5.21 -16.56 2.66
C ASN A 59 -6.03 -15.57 1.84
N LEU A 60 -5.96 -14.31 2.23
CA LEU A 60 -6.63 -13.22 1.52
C LEU A 60 -6.06 -13.04 0.12
N MET A 61 -4.73 -13.16 0.00
CA MET A 61 -4.05 -12.98 -1.29
C MET A 61 -4.35 -14.09 -2.30
N LYS A 62 -4.75 -15.28 -1.83
CA LYS A 62 -5.15 -16.35 -2.74
C LYS A 62 -6.42 -15.93 -3.48
N THR A 63 -7.26 -15.17 -2.79
CA THR A 63 -8.51 -14.70 -3.34
C THR A 63 -8.31 -13.52 -4.30
N LEU A 64 -7.40 -12.61 -3.95
CA LEU A 64 -7.19 -11.38 -4.73
C LEU A 64 -5.98 -11.49 -5.65
N GLN A 65 -6.23 -11.31 -6.95
CA GLN A 65 -5.18 -11.39 -7.96
C GLN A 65 -5.45 -10.34 -9.04
N HIS A 66 -4.44 -9.54 -9.32
CA HIS A 66 -4.55 -8.43 -10.28
C HIS A 66 -3.12 -7.96 -10.57
N ASP A 67 -2.92 -7.28 -11.68
CA ASP A 67 -1.56 -6.91 -12.08
C ASP A 67 -1.00 -5.74 -11.30
N LYS A 68 -1.87 -4.99 -10.64
CA LYS A 68 -1.45 -3.91 -9.74
C LYS A 68 -1.43 -4.31 -8.27
N LEU A 69 -1.56 -5.62 -8.00
CA LEU A 69 -1.47 -6.15 -6.65
C LEU A 69 -0.36 -7.18 -6.60
N VAL A 70 0.45 -7.13 -5.54
CA VAL A 70 1.58 -8.04 -5.39
C VAL A 70 1.08 -9.47 -5.31
N ARG A 71 1.59 -10.31 -6.21
CA ARG A 71 1.08 -11.64 -6.43
C ARG A 71 1.72 -12.62 -5.45
N LEU A 72 0.86 -13.43 -4.82
CA LEU A 72 1.32 -14.55 -4.01
C LEU A 72 1.68 -15.71 -4.92
N TYR A 73 2.80 -16.38 -4.61
CA TYR A 73 3.22 -17.57 -5.36
C TYR A 73 3.09 -18.85 -4.53
N ALA A 74 3.52 -18.81 -3.27
CA ALA A 74 3.51 -19.98 -2.41
C ALA A 74 3.63 -19.63 -0.92
N VAL A 75 3.67 -20.67 -0.08
CA VAL A 75 3.85 -20.53 1.38
C VAL A 75 4.56 -21.75 1.96
N VAL A 76 5.23 -21.54 3.11
CA VAL A 76 5.90 -22.62 3.84
C VAL A 76 5.45 -22.58 5.30
N THR A 77 4.71 -23.60 5.71
CA THR A 77 4.01 -23.58 7.00
C THR A 77 4.30 -24.76 7.95
N ARG A 78 4.95 -25.82 7.47
CA ARG A 78 5.15 -27.01 8.29
C ARG A 78 6.19 -26.87 9.40
N GLU A 79 7.22 -26.05 9.17
CA GLU A 79 8.37 -26.01 10.08
C GLU A 79 8.42 -24.70 10.87
N GLU A 80 9.46 -24.54 11.71
CA GLU A 80 9.42 -23.58 12.83
C GLU A 80 9.16 -22.13 12.40
N PRO A 81 10.06 -21.52 11.59
CA PRO A 81 9.75 -20.20 11.07
C PRO A 81 8.90 -20.32 9.81
N ILE A 82 7.82 -19.55 9.72
CA ILE A 82 6.90 -19.65 8.59
C ILE A 82 7.23 -18.59 7.53
N TYR A 83 7.13 -18.99 6.26
CA TYR A 83 7.38 -18.11 5.13
C TYR A 83 6.09 -17.78 4.38
N ILE A 84 6.02 -16.58 3.80
CA ILE A 84 5.06 -16.26 2.75
C ILE A 84 5.85 -15.78 1.55
N ILE A 85 5.59 -16.38 0.39
CA ILE A 85 6.39 -16.15 -0.81
C ILE A 85 5.62 -15.39 -1.88
N THR A 86 6.12 -14.22 -2.25
CA THR A 86 5.46 -13.37 -3.25
C THR A 86 6.43 -13.02 -4.37
N GLU A 87 5.91 -12.35 -5.39
CA GLU A 87 6.76 -11.78 -6.43
C GLU A 87 7.68 -10.70 -5.86
N TYR A 88 8.91 -10.66 -6.36
CA TYR A 88 9.89 -9.66 -5.94
C TYR A 88 9.77 -8.39 -6.78
N MET A 89 9.89 -7.25 -6.12
CA MET A 89 9.83 -5.94 -6.73
C MET A 89 11.18 -5.28 -6.49
N ALA A 90 11.86 -4.88 -7.55
CA ALA A 90 13.27 -4.53 -7.48
C ALA A 90 13.56 -3.25 -6.72
N LYS A 91 12.64 -2.30 -6.74
CA LYS A 91 12.91 -0.97 -6.18
C LYS A 91 12.28 -0.72 -4.80
N GLY A 92 11.72 -1.76 -4.20
CA GLY A 92 11.11 -1.66 -2.88
C GLY A 92 9.87 -0.79 -2.89
N SER A 93 9.61 -0.12 -1.78
CA SER A 93 8.39 0.66 -1.64
C SER A 93 8.43 1.91 -2.51
N LEU A 94 7.24 2.40 -2.84
CA LEU A 94 7.10 3.67 -3.55
C LEU A 94 7.73 4.80 -2.73
N LEU A 95 7.74 4.64 -1.42
CA LEU A 95 8.35 5.60 -0.51
C LEU A 95 9.87 5.55 -0.62
N ASP A 96 10.44 4.34 -0.61
CA ASP A 96 11.89 4.18 -0.75
C ASP A 96 12.35 4.75 -2.08
N PHE A 97 11.61 4.43 -3.14
CA PHE A 97 11.92 4.89 -4.48
C PHE A 97 11.91 6.42 -4.61
N LEU A 98 10.78 7.04 -4.26
CA LEU A 98 10.65 8.49 -4.32
C LEU A 98 11.72 9.22 -3.51
N LYS A 99 12.06 8.67 -2.34
CA LYS A 99 13.07 9.27 -1.47
C LYS A 99 14.48 9.06 -2.01
N SER A 100 14.70 7.95 -2.70
CA SER A 100 15.99 7.68 -3.33
C SER A 100 16.28 8.69 -4.43
N ASP A 101 17.57 8.90 -4.70
CA ASP A 101 18.02 9.92 -5.65
C ASP A 101 17.44 9.73 -7.06
N GLU A 102 17.32 8.48 -7.51
CA GLU A 102 16.68 8.18 -8.79
C GLU A 102 15.26 8.74 -8.86
N GLY A 103 14.50 8.56 -7.78
CA GLY A 103 13.11 9.03 -7.71
C GLY A 103 13.01 10.54 -7.65
N GLY A 104 14.02 11.19 -7.09
CA GLY A 104 14.10 12.64 -7.09
C GLY A 104 14.11 13.20 -8.51
N LYS A 105 14.80 12.51 -9.40
CA LYS A 105 14.88 12.93 -10.81
C LYS A 105 13.52 12.84 -11.50
N VAL A 106 12.74 11.82 -11.15
CA VAL A 106 11.40 11.64 -11.73
C VAL A 106 10.59 12.93 -11.59
N LEU A 107 9.79 13.24 -12.60
CA LEU A 107 8.98 14.46 -12.57
C LEU A 107 7.49 14.18 -12.78
N LEU A 108 6.69 15.20 -12.50
CA LEU A 108 5.24 15.09 -12.35
C LEU A 108 4.54 14.06 -13.26
N PRO A 109 4.76 14.12 -14.58
CA PRO A 109 4.14 13.12 -15.46
C PRO A 109 4.10 11.70 -14.90
N LYS A 110 5.26 11.19 -14.46
CA LYS A 110 5.35 9.81 -13.97
C LYS A 110 4.69 9.66 -12.60
N LEU A 111 4.77 10.70 -11.78
CA LEU A 111 4.08 10.71 -10.50
C LEU A 111 2.58 10.48 -10.72
N ILE A 112 2.02 11.12 -11.73
CA ILE A 112 0.62 10.94 -12.10
C ILE A 112 0.37 9.50 -12.55
N ASP A 113 1.35 8.96 -13.28
CA ASP A 113 1.29 7.57 -13.72
C ASP A 113 1.20 6.65 -12.50
N PHE A 114 2.13 6.81 -11.56
CA PHE A 114 2.11 6.04 -10.31
C PHE A 114 0.73 6.16 -9.64
N SER A 115 0.30 7.40 -9.46
CA SER A 115 -1.03 7.69 -8.91
C SER A 115 -2.07 6.81 -9.56
N ALA A 116 -2.18 6.90 -10.87
CA ALA A 116 -3.22 6.20 -11.61
C ALA A 116 -3.10 4.68 -11.48
N GLN A 117 -1.87 4.16 -11.53
CA GLN A 117 -1.62 2.72 -11.36
C GLN A 117 -2.21 2.20 -10.07
N ILE A 118 -2.03 2.99 -9.01
CA ILE A 118 -2.54 2.63 -7.69
C ILE A 118 -4.07 2.66 -7.67
N ALA A 119 -4.65 3.72 -8.22
CA ALA A 119 -6.10 3.83 -8.33
C ALA A 119 -6.69 2.64 -9.07
N GLU A 120 -5.97 2.16 -10.09
CA GLU A 120 -6.41 0.99 -10.84
C GLU A 120 -6.49 -0.24 -9.95
N GLY A 121 -5.40 -0.53 -9.25
CA GLY A 121 -5.36 -1.63 -8.29
C GLY A 121 -6.47 -1.53 -7.27
N MET A 122 -6.74 -0.32 -6.80
CA MET A 122 -7.83 -0.10 -5.86
C MET A 122 -9.20 -0.22 -6.51
N ALA A 123 -9.31 0.11 -7.79
CA ALA A 123 -10.57 -0.09 -8.53
C ALA A 123 -10.93 -1.56 -8.60
N TYR A 124 -9.91 -2.42 -8.64
CA TYR A 124 -10.10 -3.87 -8.52
C TYR A 124 -10.63 -4.24 -7.14
N ILE A 125 -10.01 -3.69 -6.11
CA ILE A 125 -10.41 -3.94 -4.72
C ILE A 125 -11.88 -3.54 -4.49
N GLU A 126 -12.28 -2.38 -5.02
CA GLU A 126 -13.68 -1.95 -4.85
C GLU A 126 -14.62 -2.84 -5.66
N ARG A 127 -14.24 -3.14 -6.90
CA ARG A 127 -15.00 -4.07 -7.73
C ARG A 127 -15.29 -5.37 -6.97
N LYS A 128 -14.26 -5.88 -6.30
CA LYS A 128 -14.35 -7.15 -5.58
C LYS A 128 -14.93 -7.04 -4.15
N ASN A 129 -15.40 -5.84 -3.77
CA ASN A 129 -16.02 -5.57 -2.46
C ASN A 129 -15.12 -5.82 -1.26
N TYR A 130 -13.89 -5.30 -1.36
CA TYR A 130 -12.92 -5.39 -0.27
C TYR A 130 -12.51 -4.00 0.20
N ILE A 131 -11.71 -3.96 1.26
CA ILE A 131 -11.08 -2.72 1.73
C ILE A 131 -9.66 -3.05 2.15
N HIS A 132 -8.75 -2.11 1.92
CA HIS A 132 -7.34 -2.33 2.23
C HIS A 132 -7.00 -1.88 3.66
N ARG A 133 -7.56 -0.73 4.06
CA ARG A 133 -7.40 -0.16 5.41
C ARG A 133 -6.02 0.42 5.74
N ASP A 134 -4.97 -0.09 5.10
CA ASP A 134 -3.59 0.38 5.29
C ASP A 134 -2.97 0.89 3.97
N LEU A 135 -3.71 1.71 3.24
CA LEU A 135 -3.26 2.19 1.93
C LEU A 135 -2.34 3.39 2.06
N ARG A 136 -1.06 3.18 1.76
CA ARG A 136 -0.07 4.26 1.80
C ARG A 136 1.17 3.88 1.02
N ALA A 137 2.05 4.87 0.82
CA ALA A 137 3.22 4.70 -0.05
C ALA A 137 4.15 3.58 0.39
N ALA A 138 4.25 3.37 1.70
CA ALA A 138 5.08 2.28 2.25
C ALA A 138 4.57 0.89 1.87
N ASN A 139 3.26 0.77 1.62
CA ASN A 139 2.67 -0.51 1.21
C ASN A 139 2.40 -0.63 -0.30
N VAL A 140 3.05 0.23 -1.09
CA VAL A 140 3.02 0.13 -2.54
C VAL A 140 4.45 -0.14 -2.97
N LEU A 141 4.66 -1.21 -3.73
CA LEU A 141 6.00 -1.58 -4.16
C LEU A 141 6.24 -1.19 -5.61
N VAL A 142 7.52 -1.16 -6.01
CA VAL A 142 7.92 -0.68 -7.34
C VAL A 142 8.88 -1.66 -8.01
N SER A 143 8.56 -2.03 -9.25
CA SER A 143 9.39 -2.95 -10.04
C SER A 143 10.47 -2.18 -10.77
N GLU A 144 11.45 -2.92 -11.31
CA GLU A 144 12.49 -2.35 -12.19
C GLU A 144 11.83 -1.61 -13.35
N SER A 145 10.78 -2.23 -13.89
CA SER A 145 9.94 -1.64 -14.94
C SER A 145 9.18 -0.37 -14.50
N LEU A 146 9.34 0.05 -13.24
CA LEU A 146 8.63 1.19 -12.66
C LEU A 146 7.10 1.04 -12.60
N MET A 147 6.64 -0.20 -12.45
CA MET A 147 5.23 -0.47 -12.22
C MET A 147 4.95 -0.50 -10.72
N CYS A 148 3.74 -0.11 -10.36
CA CYS A 148 3.34 -0.03 -8.96
C CYS A 148 2.35 -1.12 -8.62
N LYS A 149 2.53 -1.75 -7.46
CA LYS A 149 1.62 -2.78 -7.01
C LYS A 149 1.36 -2.64 -5.51
N ILE A 150 0.10 -2.82 -5.12
CA ILE A 150 -0.30 -2.72 -3.72
C ILE A 150 0.12 -3.99 -3.00
N ALA A 151 0.88 -3.84 -1.92
CA ALA A 151 1.62 -4.96 -1.32
C ALA A 151 1.02 -5.55 -0.03
N ASP A 152 1.04 -4.78 1.05
CA ASP A 152 0.68 -5.32 2.37
C ASP A 152 -0.84 -5.35 2.59
N PHE A 153 -1.41 -6.55 2.69
CA PHE A 153 -2.84 -6.72 2.96
C PHE A 153 -3.12 -7.22 4.38
N GLY A 154 -2.26 -6.86 5.32
CA GLY A 154 -2.41 -7.29 6.71
C GLY A 154 -3.74 -6.87 7.31
N LEU A 155 -4.15 -5.63 7.05
CA LEU A 155 -5.38 -5.08 7.59
C LEU A 155 -6.56 -5.16 6.61
N ALA A 156 -6.36 -5.76 5.45
CA ALA A 156 -7.40 -5.88 4.44
C ALA A 156 -8.48 -6.88 4.87
N ARG A 157 -9.72 -6.62 4.46
CA ARG A 157 -10.88 -7.39 4.91
C ARG A 157 -11.97 -7.34 3.84
N VAL A 158 -12.98 -8.21 3.98
CA VAL A 158 -14.07 -8.28 3.00
C VAL A 158 -15.14 -7.22 3.29
N LYS A 171 -1.83 -2.51 13.71
CA LYS A 171 -2.32 -1.18 14.05
C LYS A 171 -2.58 -0.34 12.79
N PHE A 172 -3.56 0.57 12.88
CA PHE A 172 -4.01 1.36 11.74
C PHE A 172 -3.18 2.64 11.55
N PRO A 173 -2.92 3.02 10.28
CA PRO A 173 -2.09 4.20 9.99
C PRO A 173 -2.90 5.47 10.21
N ILE A 174 -2.70 6.11 11.34
CA ILE A 174 -3.62 7.15 11.79
C ILE A 174 -3.69 8.34 10.83
N LYS A 175 -2.55 8.71 10.26
CA LYS A 175 -2.50 9.86 9.35
C LYS A 175 -3.06 9.58 7.96
N TRP A 176 -3.36 8.32 7.67
CA TRP A 176 -3.97 7.91 6.41
C TRP A 176 -5.41 7.47 6.61
N THR A 177 -5.89 7.49 7.85
CA THR A 177 -7.19 6.95 8.17
C THR A 177 -8.24 8.04 8.14
N ALA A 178 -9.38 7.71 7.55
CA ALA A 178 -10.50 8.63 7.39
C ALA A 178 -11.13 9.00 8.73
N PRO A 179 -11.72 10.21 8.83
CA PRO A 179 -12.31 10.67 10.09
C PRO A 179 -13.40 9.74 10.64
N GLU A 180 -14.30 9.28 9.78
CA GLU A 180 -15.37 8.37 10.22
C GLU A 180 -14.82 7.04 10.75
N ALA A 181 -13.73 6.57 10.16
CA ALA A 181 -13.08 5.35 10.61
C ALA A 181 -12.54 5.56 12.02
N ILE A 182 -11.70 6.58 12.19
CA ILE A 182 -11.13 6.90 13.50
C ILE A 182 -12.20 7.06 14.58
N ASN A 183 -13.25 7.81 14.23
CA ASN A 183 -14.30 8.18 15.18
C ASN A 183 -15.34 7.11 15.45
N PHE A 184 -15.69 6.32 14.43
CA PHE A 184 -16.77 5.34 14.55
C PHE A 184 -16.39 3.95 14.07
N GLY A 185 -15.09 3.67 13.93
CA GLY A 185 -14.62 2.36 13.45
C GLY A 185 -15.20 1.96 12.11
N CYS A 186 -15.69 2.94 11.36
CA CYS A 186 -16.40 2.69 10.12
C CYS A 186 -15.42 2.72 8.94
N PHE A 187 -14.72 1.61 8.74
CA PHE A 187 -13.86 1.42 7.58
C PHE A 187 -14.67 0.89 6.40
N THR A 188 -14.62 1.62 5.29
CA THR A 188 -15.25 1.21 4.03
C THR A 188 -14.34 1.59 2.86
N ILE A 189 -14.72 1.18 1.65
CA ILE A 189 -13.95 1.53 0.46
C ILE A 189 -13.75 3.05 0.36
N LYS A 190 -14.70 3.82 0.88
CA LYS A 190 -14.59 5.28 0.89
C LYS A 190 -13.49 5.76 1.84
N SER A 191 -13.25 5.02 2.92
CA SER A 191 -12.11 5.29 3.80
C SER A 191 -10.79 5.12 3.06
N ASP A 192 -10.72 4.12 2.19
CA ASP A 192 -9.52 3.90 1.38
C ASP A 192 -9.30 5.05 0.39
N VAL A 193 -10.37 5.69 -0.06
CA VAL A 193 -10.25 6.82 -0.97
C VAL A 193 -9.59 7.98 -0.23
N TRP A 194 -10.08 8.27 0.98
CA TRP A 194 -9.43 9.23 1.85
C TRP A 194 -7.93 8.97 1.86
N SER A 195 -7.57 7.75 2.26
CA SER A 195 -6.16 7.35 2.34
C SER A 195 -5.42 7.60 1.02
N PHE A 196 -6.10 7.37 -0.11
CA PHE A 196 -5.50 7.60 -1.42
C PHE A 196 -5.15 9.07 -1.64
N GLY A 197 -6.04 9.97 -1.22
CA GLY A 197 -5.74 11.39 -1.26
C GLY A 197 -4.46 11.68 -0.49
N ILE A 198 -4.31 11.04 0.66
CA ILE A 198 -3.13 11.21 1.49
C ILE A 198 -1.94 10.56 0.80
N LEU A 199 -2.16 9.46 0.12
CA LEU A 199 -1.12 8.83 -0.66
C LEU A 199 -0.63 9.82 -1.71
N LEU A 200 -1.55 10.50 -2.38
CA LEU A 200 -1.20 11.55 -3.35
C LEU A 200 -0.22 12.56 -2.78
N TYR A 201 -0.51 13.05 -1.57
CA TYR A 201 0.39 13.97 -0.86
C TYR A 201 1.78 13.36 -0.68
N GLU A 202 1.84 12.06 -0.35
CA GLU A 202 3.13 11.37 -0.26
C GLU A 202 3.87 11.39 -1.60
N ILE A 203 3.14 11.17 -2.68
CA ILE A 203 3.72 11.09 -4.01
C ILE A 203 4.26 12.44 -4.44
N VAL A 204 3.39 13.44 -4.43
CA VAL A 204 3.71 14.74 -4.99
C VAL A 204 4.86 15.43 -4.25
N THR A 205 5.05 15.09 -2.97
CA THR A 205 6.10 15.66 -2.13
C THR A 205 7.40 14.83 -2.16
N TYR A 206 7.42 13.79 -3.00
CA TYR A 206 8.58 12.90 -3.08
C TYR A 206 8.87 12.18 -1.75
N GLY A 207 7.81 11.63 -1.16
CA GLY A 207 7.94 10.71 -0.02
C GLY A 207 7.90 11.35 1.36
N LYS A 208 7.43 12.59 1.45
CA LYS A 208 7.38 13.28 2.73
C LYS A 208 6.22 12.76 3.56
N ILE A 209 6.26 13.07 4.85
CA ILE A 209 5.26 12.57 5.79
C ILE A 209 4.03 13.51 5.84
N PRO A 210 2.82 12.93 5.94
CA PRO A 210 1.61 13.75 6.02
C PRO A 210 1.49 14.55 7.31
N TYR A 211 0.85 15.73 7.22
CA TYR A 211 0.70 16.64 8.36
C TYR A 211 2.06 16.87 9.00
N PRO A 212 3.00 17.47 8.25
CA PRO A 212 4.36 17.61 8.75
C PRO A 212 4.43 18.34 10.08
N GLY A 213 5.30 17.87 10.96
CA GLY A 213 5.43 18.45 12.29
C GLY A 213 4.16 18.37 13.11
N ARG A 214 3.47 17.24 13.03
CA ARG A 214 2.31 16.99 13.88
C ARG A 214 2.24 15.53 14.33
N THR A 215 1.71 15.33 15.54
CA THR A 215 1.57 14.01 16.11
C THR A 215 0.26 13.42 15.64
N ASN A 216 0.11 12.10 15.79
CA ASN A 216 -1.14 11.44 15.48
C ASN A 216 -2.28 12.05 16.29
N ALA A 217 -2.04 12.20 17.59
CA ALA A 217 -3.01 12.83 18.49
C ALA A 217 -3.42 14.19 17.94
N ASP A 218 -2.44 15.02 17.55
CA ASP A 218 -2.74 16.32 16.95
C ASP A 218 -3.69 16.21 15.76
N VAL A 219 -3.39 15.28 14.86
CA VAL A 219 -4.16 15.12 13.63
C VAL A 219 -5.62 14.75 13.92
N MET A 220 -5.81 13.76 14.79
CA MET A 220 -7.16 13.36 15.21
C MET A 220 -7.93 14.60 15.68
N THR A 221 -7.32 15.37 16.57
CA THR A 221 -7.91 16.61 17.06
C THR A 221 -8.18 17.59 15.93
N ALA A 222 -7.20 17.78 15.07
CA ALA A 222 -7.30 18.75 13.97
C ALA A 222 -8.42 18.38 13.00
N LEU A 223 -8.60 17.07 12.77
CA LEU A 223 -9.64 16.59 11.86
C LEU A 223 -11.04 16.80 12.41
N SER A 224 -11.17 16.82 13.74
CA SER A 224 -12.45 17.14 14.38
C SER A 224 -12.82 18.62 14.18
N GLN A 225 -11.80 19.47 14.07
CA GLN A 225 -12.00 20.89 13.75
C GLN A 225 -12.27 21.13 12.26
N GLY A 226 -12.04 20.12 11.43
CA GLY A 226 -12.24 20.22 9.98
C GLY A 226 -10.98 20.63 9.23
N TYR A 227 -9.81 20.25 9.76
CA TYR A 227 -8.56 20.62 9.12
C TYR A 227 -8.34 19.78 7.86
N ARG A 228 -7.65 20.37 6.88
CA ARG A 228 -7.22 19.67 5.67
C ARG A 228 -5.87 20.25 5.26
N MET A 229 -5.00 19.43 4.71
CA MET A 229 -3.66 19.91 4.34
C MET A 229 -3.76 20.87 3.16
N PRO A 230 -3.29 22.12 3.36
CA PRO A 230 -3.25 23.05 2.23
C PRO A 230 -2.35 22.57 1.10
N ARG A 231 -2.58 23.11 -0.09
CA ARG A 231 -1.88 22.71 -1.31
C ARG A 231 -0.37 22.83 -1.18
N VAL A 232 0.35 21.93 -1.83
CA VAL A 232 1.81 21.91 -1.80
C VAL A 232 2.34 22.78 -2.94
N GLU A 233 3.50 23.40 -2.74
CA GLU A 233 4.09 24.30 -3.73
C GLU A 233 4.11 23.69 -5.13
N ASN A 234 4.51 22.42 -5.20
CA ASN A 234 4.53 21.68 -6.46
C ASN A 234 3.12 21.40 -7.00
N CYS A 235 2.33 20.66 -6.23
CA CYS A 235 1.04 20.13 -6.68
C CYS A 235 0.21 21.12 -7.50
N PRO A 236 -0.08 20.79 -8.77
CA PRO A 236 -0.99 21.59 -9.62
C PRO A 236 -2.40 21.70 -9.05
N ASP A 237 -3.05 22.83 -9.31
CA ASP A 237 -4.45 23.06 -8.87
C ASP A 237 -5.37 21.88 -9.16
N GLU A 238 -5.27 21.34 -10.38
CA GLU A 238 -6.20 20.32 -10.84
C GLU A 238 -5.95 18.96 -10.18
N LEU A 239 -4.72 18.72 -9.73
CA LEU A 239 -4.42 17.53 -8.94
C LEU A 239 -4.90 17.71 -7.50
N TYR A 240 -4.56 18.85 -6.92
CA TYR A 240 -5.03 19.21 -5.59
C TYR A 240 -6.54 19.04 -5.48
N ASP A 241 -7.26 19.37 -6.55
CA ASP A 241 -8.72 19.16 -6.60
C ASP A 241 -9.07 17.70 -6.38
N ILE A 242 -8.31 16.80 -7.00
CA ILE A 242 -8.52 15.36 -6.86
C ILE A 242 -8.32 14.93 -5.42
N MET A 243 -7.21 15.39 -4.82
CA MET A 243 -6.93 15.13 -3.42
C MET A 243 -8.11 15.58 -2.58
N LYS A 244 -8.55 16.81 -2.82
CA LYS A 244 -9.61 17.42 -2.02
C LYS A 244 -10.95 16.69 -2.20
N MET A 245 -11.16 16.06 -3.36
CA MET A 245 -12.33 15.22 -3.58
C MET A 245 -12.32 14.06 -2.59
N CYS A 246 -11.16 13.41 -2.47
CA CYS A 246 -10.99 12.28 -1.56
C CYS A 246 -11.21 12.64 -0.10
N TRP A 247 -10.98 13.90 0.26
CA TRP A 247 -11.00 14.31 1.67
C TRP A 247 -12.31 14.93 2.13
N LYS A 248 -13.38 14.78 1.35
CA LYS A 248 -14.67 15.31 1.76
C LYS A 248 -15.15 14.61 3.02
N GLU A 249 -15.66 15.40 3.97
CA GLU A 249 -16.03 14.89 5.28
C GLU A 249 -17.02 13.73 5.14
N LYS A 250 -18.11 13.96 4.44
CA LYS A 250 -19.10 12.91 4.19
C LYS A 250 -18.54 11.89 3.21
N ALA A 251 -18.44 10.64 3.64
CA ALA A 251 -17.80 9.59 2.84
C ALA A 251 -18.51 9.37 1.51
N GLU A 252 -19.83 9.33 1.55
CA GLU A 252 -20.67 9.22 0.36
C GLU A 252 -20.28 10.17 -0.78
N GLU A 253 -19.81 11.38 -0.44
CA GLU A 253 -19.48 12.41 -1.44
C GLU A 253 -18.09 12.27 -2.06
N ARG A 254 -17.31 11.31 -1.60
CA ARG A 254 -15.99 11.06 -2.17
C ARG A 254 -16.17 10.22 -3.44
N PRO A 255 -15.24 10.35 -4.40
CA PRO A 255 -15.37 9.64 -5.67
C PRO A 255 -15.22 8.13 -5.53
N THR A 256 -15.30 7.42 -6.65
CA THR A 256 -14.95 6.00 -6.71
C THR A 256 -13.54 5.93 -7.24
N PHE A 257 -12.90 4.78 -7.06
CA PHE A 257 -11.55 4.58 -7.60
C PHE A 257 -11.59 4.54 -9.12
N ASP A 258 -12.64 3.93 -9.66
CA ASP A 258 -12.91 3.93 -11.09
C ASP A 258 -12.80 5.35 -11.64
N TYR A 259 -13.53 6.27 -11.02
CA TYR A 259 -13.50 7.68 -11.39
C TYR A 259 -12.11 8.30 -11.22
N LEU A 260 -11.43 7.94 -10.14
CA LEU A 260 -10.09 8.46 -9.87
C LEU A 260 -9.08 8.03 -10.93
N GLN A 261 -9.13 6.76 -11.32
CA GLN A 261 -8.31 6.26 -12.42
C GLN A 261 -8.52 7.11 -13.67
N SER A 262 -9.80 7.30 -14.03
CA SER A 262 -10.16 8.08 -15.22
C SER A 262 -9.46 9.43 -15.18
N VAL A 263 -9.79 10.23 -14.16
CA VAL A 263 -9.33 11.61 -14.08
C VAL A 263 -7.81 11.68 -13.99
N LEU A 264 -7.20 10.69 -13.35
CA LEU A 264 -5.75 10.61 -13.27
C LEU A 264 -5.13 10.23 -14.62
N ASP A 265 -5.80 9.37 -15.37
CA ASP A 265 -5.36 9.03 -16.74
C ASP A 265 -5.47 10.22 -17.69
N ASP A 266 -6.59 10.94 -17.64
CA ASP A 266 -6.83 12.08 -18.53
C ASP A 266 -6.02 13.33 -18.16
N PHE A 267 -5.59 13.43 -16.91
CA PHE A 267 -4.66 14.48 -16.48
C PHE A 267 -3.35 14.35 -17.26
N TYR A 268 -2.87 13.12 -17.36
CA TYR A 268 -1.70 12.77 -18.16
C TYR A 268 -1.66 13.55 -19.47
N THR A 269 -2.71 13.38 -20.28
CA THR A 269 -2.77 13.98 -21.61
C THR A 269 -3.12 15.46 -21.54
C11 8H0 B . 12.03 -4.81 -1.82
C12 8H0 B . 13.11 -4.29 -2.58
C13 8H0 B . 13.93 -3.28 -2.03
C14 8H0 B . 13.69 -2.78 -0.74
C15 8H0 B . 12.59 -3.31 0.03
C16 8H0 B . 11.78 -4.31 -0.52
N18 8H0 B . 15.47 -1.70 -1.63
C21 8H0 B . 8.47 -6.94 -0.13
C22 8H0 B . 8.02 -6.80 1.28
C27 8H0 B . 10.28 -2.73 2.87
C30 8H0 B . 7.68 -3.97 2.58
C01 8H0 B . 2.23 -9.05 1.00
C02 8H0 B . 3.55 -8.54 0.40
C03 8H0 B . 4.77 -8.95 1.22
C04 8H0 B . 6.06 -8.24 0.76
C05 8H0 B . 6.49 -8.37 -0.60
C06 8H0 B . 7.70 -7.71 -1.03
C07 8H0 B . 8.16 -7.83 -2.42
N08 8H0 B . 9.31 -7.18 -2.77
C09 8H0 B . 10.02 -6.45 -1.92
N10 8H0 B . 11.25 -5.83 -2.46
C17 8H0 B . 14.69 -1.78 -0.51
N19 8H0 B . 15.02 -2.58 -2.52
N20 8H0 B . 9.62 -6.35 -0.63
C23 8H0 B . 6.84 -7.46 1.69
O24 8H0 B . 8.76 -6.06 2.30
C25 8H0 B . 8.89 -4.65 2.12
C26 8H0 B . 10.08 -4.24 2.88
N28 8H0 B . 9.06 -1.98 3.24
C29 8H0 B . 7.86 -2.43 2.54
#